data_5LY8
#
_entry.id   5LY8
#
_cell.length_a   49.020
_cell.length_b   63.670
_cell.length_c   74.460
_cell.angle_alpha   90.00
_cell.angle_beta   90.00
_cell.angle_gamma   90.00
#
_symmetry.space_group_name_H-M   'P 21 21 21'
#
loop_
_entity.id
_entity.type
_entity.pdbx_description
1 polymer 'Tail component'
2 non-polymer 'MAGNESIUM ION'
3 water water
#
_entity_poly.entity_id   1
_entity_poly.type   'polypeptide(L)'
_entity_poly.pdbx_seq_one_letter_code
;GSPDETDGFVKQKSERVYHLDFNQTPTGVTLNNGVTAFPYYEHGNDANVQSGPFGYANGIAYPSTERTASNYWNGPSMSG
TIPKNSNGSNTANFQFVNRVNVGTNAAEVGRFEFNLTYQGKIVASLALFDDSASNDQWVFSGTVYDGSQAQMLFFDLLPR
NYYRDGNYNAVITKMGDQLTFRLDRIDLGDGGIETRTVSGFSSVPIDGWTAWFPGFSDQRGWSINWQDSYFEWINVDYWD
DIPNRFK
;
_entity_poly.pdbx_strand_id   A
#
loop_
_chem_comp.id
_chem_comp.type
_chem_comp.name
_chem_comp.formula
MG non-polymer 'MAGNESIUM ION' 'Mg 2'
#
# COMPACT_ATOMS: atom_id res chain seq x y z
N VAL A 10 -18.64 16.37 -23.78
CA VAL A 10 -17.63 15.82 -22.85
C VAL A 10 -17.74 14.32 -22.87
N LYS A 11 -16.62 13.67 -23.08
CA LYS A 11 -16.45 12.23 -22.95
C LYS A 11 -15.39 11.99 -21.89
N GLN A 12 -15.20 10.75 -21.48
CA GLN A 12 -14.18 10.43 -20.46
C GLN A 12 -13.36 9.18 -20.79
N LYS A 13 -12.14 9.11 -20.26
CA LYS A 13 -11.32 7.91 -20.40
C LYS A 13 -10.41 7.64 -19.17
N SER A 14 -9.73 6.50 -19.10
CA SER A 14 -8.72 6.27 -18.06
CA SER A 14 -8.72 6.26 -18.07
C SER A 14 -7.35 6.61 -18.62
N GLU A 15 -6.45 7.12 -17.76
CA GLU A 15 -5.12 7.52 -18.17
C GLU A 15 -4.10 6.88 -17.24
N ARG A 16 -3.36 5.88 -17.71
CA ARG A 16 -2.37 5.24 -16.90
C ARG A 16 -1.14 6.11 -16.75
N VAL A 17 -0.70 6.32 -15.51
CA VAL A 17 0.45 7.15 -15.20
C VAL A 17 1.71 6.30 -15.29
N TYR A 18 1.68 5.06 -14.76
CA TYR A 18 2.85 4.20 -14.82
C TYR A 18 2.34 2.80 -14.67
N HIS A 19 3.17 1.83 -15.04
CA HIS A 19 2.87 0.44 -14.85
C HIS A 19 4.18 -0.29 -14.63
N LEU A 20 4.31 -0.95 -13.49
CA LEU A 20 5.45 -1.83 -13.21
C LEU A 20 4.99 -3.27 -13.30
N ASP A 21 5.58 -4.04 -14.22
CA ASP A 21 5.30 -5.47 -14.30
C ASP A 21 6.44 -6.30 -13.72
N PHE A 22 7.57 -5.66 -13.39
CA PHE A 22 8.74 -6.28 -12.75
C PHE A 22 9.46 -7.27 -13.65
N ASN A 23 9.18 -7.28 -14.97
CA ASN A 23 9.91 -8.17 -15.90
C ASN A 23 11.38 -7.72 -16.02
N GLN A 24 11.59 -6.43 -15.85
CA GLN A 24 12.87 -5.77 -15.82
C GLN A 24 12.88 -4.79 -14.64
N THR A 25 14.07 -4.42 -14.20
CA THR A 25 14.24 -3.44 -13.13
C THR A 25 13.38 -2.20 -13.41
N PRO A 26 12.54 -1.86 -12.44
CA PRO A 26 11.69 -0.68 -12.61
C PRO A 26 12.48 0.60 -12.92
N THR A 27 11.89 1.44 -13.77
CA THR A 27 12.42 2.75 -14.09
C THR A 27 11.38 3.78 -13.67
N GLY A 28 11.81 5.04 -13.57
CA GLY A 28 10.95 6.15 -13.20
C GLY A 28 10.48 6.05 -11.76
N VAL A 29 11.32 5.46 -10.91
CA VAL A 29 11.02 5.27 -9.49
C VAL A 29 12.24 5.59 -8.66
N THR A 30 12.03 5.80 -7.34
CA THR A 30 13.13 6.00 -6.41
C THR A 30 13.02 5.01 -5.28
N LEU A 31 14.17 4.55 -4.81
CA LEU A 31 14.26 3.55 -3.78
C LEU A 31 14.52 4.14 -2.43
N ASN A 32 13.82 3.63 -1.42
CA ASN A 32 14.09 3.98 -0.03
C ASN A 32 14.10 5.48 0.29
N ASN A 33 13.18 6.25 -0.32
CA ASN A 33 13.12 7.69 -0.06
C ASN A 33 11.69 8.21 -0.16
N GLY A 34 10.73 7.38 0.26
CA GLY A 34 9.34 7.76 0.17
C GLY A 34 8.72 8.10 1.51
N VAL A 35 7.41 7.93 1.60
CA VAL A 35 6.66 8.31 2.79
C VAL A 35 5.99 7.08 3.37
N THR A 36 6.18 6.87 4.68
CA THR A 36 5.55 5.76 5.41
C THR A 36 4.47 6.28 6.33
N ALA A 37 3.50 5.44 6.69
CA ALA A 37 2.36 5.85 7.49
C ALA A 37 2.34 5.30 8.90
N PHE A 38 2.91 4.10 9.14
CA PHE A 38 2.83 3.47 10.45
C PHE A 38 3.22 4.47 11.55
N PRO A 39 2.33 4.71 12.53
CA PRO A 39 2.60 5.76 13.53
C PRO A 39 3.44 5.20 14.67
N TYR A 40 4.73 5.02 14.38
CA TYR A 40 5.66 4.42 15.34
C TYR A 40 5.64 5.13 16.68
N TYR A 41 5.45 6.44 16.65
CA TYR A 41 5.46 7.34 17.81
C TYR A 41 4.29 7.08 18.76
N GLU A 42 3.26 6.38 18.29
CA GLU A 42 2.13 5.98 19.14
C GLU A 42 2.28 4.56 19.66
N HIS A 43 3.21 3.79 19.08
CA HIS A 43 3.35 2.37 19.39
C HIS A 43 4.58 2.04 20.23
N GLY A 44 5.27 3.06 20.74
CA GLY A 44 6.49 2.85 21.51
C GLY A 44 7.68 2.43 20.67
N ASN A 45 7.61 2.64 19.36
CA ASN A 45 8.69 2.26 18.45
C ASN A 45 9.50 3.46 18.03
N ASP A 46 10.71 3.18 17.51
CA ASP A 46 11.53 4.22 16.92
C ASP A 46 11.11 4.39 15.44
N ALA A 47 11.65 5.42 14.78
CA ALA A 47 11.23 5.78 13.45
C ALA A 47 11.31 4.66 12.44
N ASN A 48 10.30 4.62 11.56
CA ASN A 48 10.28 3.67 10.45
C ASN A 48 11.52 3.85 9.57
N VAL A 49 12.07 2.75 9.05
CA VAL A 49 13.22 2.80 8.16
C VAL A 49 12.87 2.17 6.82
N GLN A 50 13.33 2.83 5.75
CA GLN A 50 13.20 2.34 4.39
C GLN A 50 14.61 2.00 3.93
N SER A 51 14.93 0.71 3.84
CA SER A 51 16.28 0.29 3.43
C SER A 51 16.23 -1.07 2.81
N GLY A 52 17.28 -1.39 2.08
CA GLY A 52 17.42 -2.68 1.47
C GLY A 52 16.88 -2.77 0.06
N PRO A 53 17.16 -3.89 -0.60
CA PRO A 53 16.79 -4.04 -2.02
C PRO A 53 15.51 -4.84 -2.25
N PHE A 54 15.07 -4.84 -3.50
CA PHE A 54 14.10 -5.76 -4.04
C PHE A 54 14.87 -6.65 -4.99
N GLY A 55 14.60 -7.94 -4.96
CA GLY A 55 15.13 -8.84 -5.98
C GLY A 55 14.03 -9.10 -7.00
N TYR A 56 14.36 -9.18 -8.31
CA TYR A 56 13.34 -9.41 -9.33
C TYR A 56 13.52 -10.76 -9.97
N ALA A 57 12.45 -11.59 -10.01
CA ALA A 57 12.48 -12.86 -10.72
C ALA A 57 11.09 -13.17 -11.22
N ASN A 58 10.98 -13.68 -12.45
CA ASN A 58 9.71 -14.17 -12.99
C ASN A 58 8.60 -13.14 -13.00
N GLY A 59 8.94 -11.87 -13.19
CA GLY A 59 7.93 -10.81 -13.23
C GLY A 59 7.41 -10.45 -11.87
N ILE A 60 8.23 -10.71 -10.83
CA ILE A 60 7.84 -10.51 -9.44
C ILE A 60 8.97 -9.83 -8.66
N ALA A 61 8.59 -8.86 -7.82
CA ALA A 61 9.52 -8.19 -6.91
C ALA A 61 9.46 -8.86 -5.55
N TYR A 62 10.64 -9.21 -5.00
CA TYR A 62 10.78 -9.87 -3.70
C TYR A 62 11.49 -8.92 -2.77
N PRO A 63 10.76 -8.23 -1.87
CA PRO A 63 11.46 -7.33 -0.96
C PRO A 63 12.38 -8.11 -0.01
N SER A 64 13.59 -7.58 0.25
CA SER A 64 14.53 -8.18 1.19
C SER A 64 14.66 -7.51 2.54
N THR A 65 14.61 -8.29 3.64
CA THR A 65 14.79 -7.79 5.01
C THR A 65 15.79 -8.72 5.71
N GLU A 66 16.37 -8.25 6.82
CA GLU A 66 17.24 -9.07 7.65
C GLU A 66 16.70 -9.08 9.03
N ARG A 67 16.99 -10.17 9.76
N ARG A 67 16.99 -10.17 9.74
CA ARG A 67 16.57 -10.30 11.15
CA ARG A 67 16.64 -10.36 11.13
C ARG A 67 17.65 -9.67 12.00
C ARG A 67 17.69 -9.67 11.98
N THR A 68 17.50 -8.38 12.29
CA THR A 68 18.35 -7.42 13.04
C THR A 68 17.60 -6.79 14.20
N ALA A 69 18.12 -6.90 15.40
CA ALA A 69 17.32 -6.74 16.60
C ALA A 69 17.20 -5.21 16.68
N SER A 70 15.97 -4.70 16.85
CA SER A 70 15.75 -3.26 16.85
C SER A 70 14.40 -2.97 17.49
N ASN A 71 14.08 -1.68 17.55
CA ASN A 71 12.77 -1.25 18.03
C ASN A 71 12.04 -0.51 16.88
N TYR A 72 12.20 -0.98 15.64
CA TYR A 72 11.53 -0.30 14.52
C TYR A 72 11.26 -1.24 13.38
N TRP A 73 10.32 -0.82 12.53
CA TRP A 73 9.99 -1.50 11.28
C TRP A 73 10.99 -1.05 10.22
N ASN A 74 11.54 -2.01 9.49
CA ASN A 74 12.54 -1.71 8.45
C ASN A 74 12.36 -2.62 7.25
N GLY A 75 12.27 -2.04 6.06
CA GLY A 75 12.26 -2.83 4.83
C GLY A 75 12.32 -1.89 3.65
N PRO A 76 12.38 -2.47 2.46
CA PRO A 76 12.53 -1.65 1.25
C PRO A 76 11.29 -0.91 0.84
N SER A 77 11.48 0.24 0.21
CA SER A 77 10.39 0.99 -0.39
C SER A 77 10.72 1.40 -1.80
N MET A 78 9.67 1.67 -2.56
CA MET A 78 9.75 2.16 -3.92
C MET A 78 8.71 3.26 -4.06
N SER A 79 9.08 4.35 -4.73
N SER A 79 9.07 4.34 -4.73
CA SER A 79 8.19 5.50 -4.88
CA SER A 79 8.16 5.47 -4.88
C SER A 79 8.26 6.06 -6.26
C SER A 79 8.26 6.07 -6.25
N GLY A 80 7.22 6.80 -6.63
CA GLY A 80 7.19 7.50 -7.91
C GLY A 80 6.33 8.74 -7.81
N THR A 81 6.43 9.58 -8.84
CA THR A 81 5.66 10.81 -8.93
C THR A 81 4.44 10.64 -9.80
N ILE A 82 3.39 11.40 -9.47
CA ILE A 82 2.13 11.34 -10.20
C ILE A 82 1.80 12.74 -10.69
N PRO A 83 1.82 12.97 -12.03
CA PRO A 83 1.46 14.29 -12.55
C PRO A 83 -0.07 14.42 -12.65
N LYS A 84 -0.53 15.64 -12.91
CA LYS A 84 -1.95 15.92 -13.13
C LYS A 84 -2.46 15.13 -14.34
N ASN A 85 -3.77 14.86 -14.38
CA ASN A 85 -4.34 14.19 -15.54
C ASN A 85 -4.34 15.18 -16.75
N SER A 86 -4.72 14.70 -17.94
CA SER A 86 -4.70 15.52 -19.14
C SER A 86 -5.67 16.70 -19.10
N ASN A 87 -6.65 16.67 -18.16
CA ASN A 87 -7.57 17.78 -17.95
C ASN A 87 -7.04 18.78 -16.91
N GLY A 88 -5.80 18.57 -16.46
CA GLY A 88 -5.14 19.47 -15.52
C GLY A 88 -5.56 19.32 -14.08
N SER A 89 -6.07 18.15 -13.70
CA SER A 89 -6.49 17.92 -12.31
C SER A 89 -5.68 16.83 -11.67
N ASN A 90 -5.34 17.04 -10.39
CA ASN A 90 -4.78 16.00 -9.56
C ASN A 90 -5.68 15.72 -8.35
N THR A 91 -6.90 16.25 -8.40
CA THR A 91 -7.91 16.02 -7.34
CA THR A 91 -7.90 16.08 -7.37
C THR A 91 -8.99 15.08 -7.87
N ALA A 92 -8.87 14.66 -9.14
CA ALA A 92 -9.81 13.79 -9.83
C ALA A 92 -9.77 12.33 -9.37
N ASN A 93 -10.72 11.55 -9.89
CA ASN A 93 -10.85 10.13 -9.54
C ASN A 93 -9.68 9.30 -10.02
N PHE A 94 -9.40 8.21 -9.31
CA PHE A 94 -8.27 7.36 -9.69
C PHE A 94 -8.45 5.98 -9.17
N GLN A 95 -7.61 5.07 -9.65
CA GLN A 95 -7.42 3.78 -9.01
C GLN A 95 -5.93 3.47 -8.97
N PHE A 96 -5.50 2.93 -7.83
CA PHE A 96 -4.10 2.56 -7.56
C PHE A 96 -4.11 1.10 -7.19
N VAL A 97 -3.54 0.24 -8.04
CA VAL A 97 -3.71 -1.20 -7.93
C VAL A 97 -2.38 -1.88 -7.79
N ASN A 98 -2.24 -2.72 -6.76
CA ASN A 98 -1.00 -3.43 -6.50
C ASN A 98 -1.28 -4.89 -6.25
N ARG A 99 -0.72 -5.76 -7.08
CA ARG A 99 -0.92 -7.20 -6.94
C ARG A 99 0.17 -7.77 -6.07
N VAL A 100 -0.22 -8.56 -5.06
CA VAL A 100 0.74 -9.19 -4.15
C VAL A 100 0.40 -10.66 -3.98
N ASN A 101 1.37 -11.42 -3.49
CA ASN A 101 1.14 -12.76 -3.03
C ASN A 101 1.66 -12.73 -1.59
N VAL A 102 0.80 -13.12 -0.65
CA VAL A 102 1.20 -12.96 0.72
C VAL A 102 0.73 -14.16 1.52
N GLY A 103 1.59 -14.61 2.43
CA GLY A 103 1.29 -15.74 3.28
C GLY A 103 1.95 -15.53 4.62
N THR A 104 1.36 -16.14 5.69
N THR A 104 1.31 -16.14 5.60
CA THR A 104 1.95 -15.96 7.01
CA THR A 104 1.90 -15.96 6.93
C THR A 104 1.77 -17.23 7.85
C THR A 104 1.72 -17.23 7.76
N ASN A 105 2.26 -17.08 9.06
CA ASN A 105 2.28 -18.21 9.99
C ASN A 105 2.42 -17.64 11.36
N ALA A 106 2.06 -18.41 12.38
CA ALA A 106 2.09 -17.81 13.68
C ALA A 106 3.37 -17.05 13.99
N ALA A 107 4.55 -17.65 13.74
CA ALA A 107 5.82 -17.05 14.14
C ALA A 107 6.26 -15.90 13.26
N GLU A 108 5.62 -15.73 12.09
CA GLU A 108 5.99 -14.71 11.13
C GLU A 108 5.36 -13.37 11.42
N VAL A 109 6.11 -12.29 11.09
CA VAL A 109 5.70 -10.90 11.28
C VAL A 109 6.00 -10.14 10.01
N GLY A 110 5.08 -9.29 9.56
CA GLY A 110 5.37 -8.50 8.39
C GLY A 110 4.30 -7.47 8.17
N ARG A 111 4.61 -6.49 7.34
CA ARG A 111 3.68 -5.41 7.02
C ARG A 111 3.95 -4.96 5.60
N PHE A 112 2.89 -4.52 4.90
CA PHE A 112 3.09 -3.71 3.71
C PHE A 112 2.19 -2.50 3.75
N GLU A 113 2.65 -1.43 3.11
CA GLU A 113 1.87 -0.21 2.89
C GLU A 113 1.89 0.13 1.43
N PHE A 114 0.72 0.47 0.89
CA PHE A 114 0.58 1.09 -0.43
C PHE A 114 -0.02 2.47 -0.15
N ASN A 115 0.80 3.51 -0.38
CA ASN A 115 0.48 4.88 0.01
C ASN A 115 0.42 5.83 -1.14
N LEU A 116 -0.52 6.77 -1.04
CA LEU A 116 -0.64 7.90 -1.97
C LEU A 116 -0.37 9.16 -1.13
N THR A 117 0.44 10.06 -1.69
CA THR A 117 0.93 11.21 -0.96
C THR A 117 0.73 12.50 -1.72
N TYR A 118 0.89 13.61 -1.01
CA TYR A 118 0.89 14.95 -1.60
C TYR A 118 1.88 15.78 -0.86
N GLN A 119 2.83 16.41 -1.58
CA GLN A 119 3.85 17.27 -0.99
C GLN A 119 4.50 16.63 0.25
N GLY A 120 4.77 15.32 0.17
CA GLY A 120 5.49 14.64 1.23
C GLY A 120 4.65 14.10 2.37
N LYS A 121 3.33 14.24 2.32
CA LYS A 121 2.47 13.75 3.38
C LYS A 121 1.56 12.67 2.87
N ILE A 122 1.23 11.69 3.72
CA ILE A 122 0.24 10.69 3.40
C ILE A 122 -1.12 11.35 3.16
N VAL A 123 -1.77 10.95 2.06
CA VAL A 123 -3.16 11.26 1.78
C VAL A 123 -3.97 9.99 2.06
N ALA A 124 -3.53 8.84 1.53
CA ALA A 124 -4.21 7.57 1.80
C ALA A 124 -3.17 6.49 1.98
N SER A 125 -3.43 5.55 2.92
CA SER A 125 -2.52 4.45 3.18
C SER A 125 -3.28 3.17 3.40
N LEU A 126 -3.03 2.19 2.52
CA LEU A 126 -3.59 0.85 2.63
C LEU A 126 -2.52 -0.05 3.26
N ALA A 127 -2.84 -0.71 4.37
CA ALA A 127 -1.88 -1.62 4.99
C ALA A 127 -2.44 -2.99 5.19
N LEU A 128 -1.55 -3.99 5.11
CA LEU A 128 -1.83 -5.33 5.57
C LEU A 128 -0.71 -5.69 6.53
N PHE A 129 -1.02 -6.28 7.66
CA PHE A 129 0.04 -6.62 8.60
C PHE A 129 -0.34 -7.79 9.52
N ASP A 130 0.72 -8.50 9.90
CA ASP A 130 0.72 -9.59 10.89
C ASP A 130 1.80 -9.13 11.86
N ASP A 131 1.38 -8.56 12.97
CA ASP A 131 2.33 -7.96 13.90
C ASP A 131 2.67 -8.75 15.15
N SER A 132 2.30 -10.03 15.19
CA SER A 132 2.61 -10.84 16.36
C SER A 132 3.28 -12.13 15.92
N ALA A 133 4.36 -12.52 16.62
CA ALA A 133 5.03 -13.79 16.38
C ALA A 133 4.37 -14.96 17.12
N SER A 134 3.19 -14.74 17.70
CA SER A 134 2.47 -15.82 18.40
C SER A 134 1.03 -15.97 17.89
N ASN A 135 0.71 -15.40 16.73
CA ASN A 135 -0.64 -15.49 16.18
C ASN A 135 -0.52 -15.31 14.67
N ASP A 136 -1.36 -15.95 13.86
N ASP A 136 -1.35 -16.01 13.90
CA ASP A 136 -1.27 -15.77 12.40
CA ASP A 136 -1.42 -15.83 12.45
C ASP A 136 -2.41 -14.87 11.88
C ASP A 136 -2.77 -15.17 12.20
N GLN A 137 -2.88 -14.03 12.78
N GLN A 137 -2.95 -14.03 12.56
CA GLN A 137 -3.89 -13.10 12.39
CA GLN A 137 -4.08 -13.11 12.31
C GLN A 137 -3.24 -11.98 11.54
C GLN A 137 -3.56 -11.81 11.68
N TRP A 138 -3.87 -11.70 10.42
CA TRP A 138 -3.50 -10.52 9.70
C TRP A 138 -4.64 -9.50 9.67
N VAL A 139 -4.26 -8.23 9.55
CA VAL A 139 -5.17 -7.10 9.65
C VAL A 139 -5.02 -6.25 8.40
N PHE A 140 -6.16 -5.83 7.85
CA PHE A 140 -6.26 -4.92 6.73
C PHE A 140 -6.75 -3.59 7.29
N SER A 141 -5.99 -2.52 7.04
CA SER A 141 -6.36 -1.19 7.53
C SER A 141 -6.30 -0.15 6.45
N GLY A 142 -7.08 0.90 6.62
CA GLY A 142 -7.08 2.02 5.71
C GLY A 142 -7.01 3.29 6.49
N THR A 143 -6.09 4.17 6.12
CA THR A 143 -5.88 5.45 6.79
C THR A 143 -5.94 6.56 5.81
N VAL A 144 -6.49 7.64 6.23
N VAL A 144 -6.54 7.64 6.14
CA VAL A 144 -6.55 8.86 5.47
CA VAL A 144 -6.60 8.86 5.38
C VAL A 144 -5.77 9.93 6.22
C VAL A 144 -5.82 9.93 6.13
N TYR A 145 -4.97 10.80 5.61
N TYR A 145 -4.87 10.67 5.58
CA TYR A 145 -4.18 11.87 6.24
CA TYR A 145 -4.05 11.77 6.05
C TYR A 145 -2.90 11.35 6.90
C TYR A 145 -2.86 11.32 6.90
N ASP A 146 -2.08 12.29 7.40
CA ASP A 146 -0.74 12.08 7.91
C ASP A 146 -0.53 12.51 9.34
N GLY A 147 0.34 11.77 10.03
CA GLY A 147 0.81 12.15 11.35
C GLY A 147 -0.31 12.37 12.34
N SER A 148 -0.27 13.54 13.04
CA SER A 148 -1.27 13.88 14.05
C SER A 148 -2.67 14.05 13.47
N GLN A 149 -2.76 14.26 12.14
CA GLN A 149 -4.04 14.42 11.46
C GLN A 149 -4.57 13.09 10.90
N ALA A 150 -3.77 12.01 10.97
CA ALA A 150 -4.23 10.74 10.39
C ALA A 150 -5.48 10.20 11.07
N GLN A 151 -6.37 9.59 10.30
CA GLN A 151 -7.56 8.91 10.79
C GLN A 151 -7.54 7.50 10.24
N MET A 152 -7.44 6.51 11.11
CA MET A 152 -7.53 5.14 10.67
C MET A 152 -9.03 4.88 10.51
N LEU A 153 -9.46 4.73 9.23
CA LEU A 153 -10.88 4.54 8.91
C LEU A 153 -11.41 3.18 9.31
N PHE A 154 -10.58 2.15 9.25
CA PHE A 154 -11.02 0.82 9.65
C PHE A 154 -9.80 0.01 10.01
N PHE A 155 -10.03 -1.03 10.78
CA PHE A 155 -9.05 -2.02 11.22
C PHE A 155 -9.80 -3.32 11.13
N ASP A 156 -9.54 -4.12 10.09
CA ASP A 156 -10.30 -5.32 9.78
C ASP A 156 -9.47 -6.56 10.04
N LEU A 157 -9.84 -7.30 11.09
CA LEU A 157 -9.21 -8.59 11.42
C LEU A 157 -9.78 -9.58 10.42
N LEU A 158 -8.97 -9.99 9.45
CA LEU A 158 -9.37 -10.85 8.35
C LEU A 158 -9.48 -12.31 8.79
N PRO A 159 -10.67 -12.93 8.71
CA PRO A 159 -10.76 -14.33 9.15
C PRO A 159 -9.86 -15.23 8.29
N ARG A 160 -8.92 -15.92 8.91
CA ARG A 160 -7.95 -16.72 8.16
C ARG A 160 -8.50 -17.86 7.33
N ASN A 161 -9.69 -18.33 7.64
CA ASN A 161 -10.30 -19.38 6.86
C ASN A 161 -10.72 -18.89 5.49
N TYR A 162 -11.07 -17.62 5.41
CA TYR A 162 -11.53 -16.98 4.22
C TYR A 162 -10.33 -16.30 3.51
N TYR A 163 -9.54 -15.57 4.28
CA TYR A 163 -8.38 -14.85 3.77
C TYR A 163 -7.14 -15.69 3.90
N ARG A 164 -7.04 -16.66 3.00
CA ARG A 164 -5.96 -17.64 3.02
C ARG A 164 -4.70 -17.07 2.37
N ASP A 165 -3.57 -17.72 2.59
CA ASP A 165 -2.35 -17.33 1.88
C ASP A 165 -2.64 -17.33 0.36
N GLY A 166 -2.10 -16.36 -0.36
CA GLY A 166 -2.29 -16.38 -1.80
C GLY A 166 -2.24 -15.04 -2.46
N ASN A 167 -2.90 -14.94 -3.60
CA ASN A 167 -2.84 -13.78 -4.47
C ASN A 167 -3.95 -12.77 -4.21
N TYR A 168 -3.56 -11.49 -4.06
CA TYR A 168 -4.53 -10.44 -3.79
C TYR A 168 -4.23 -9.20 -4.60
N ASN A 169 -5.27 -8.43 -4.93
CA ASN A 169 -5.09 -7.08 -5.47
C ASN A 169 -5.43 -6.11 -4.35
N ALA A 170 -4.46 -5.31 -3.92
CA ALA A 170 -4.66 -4.25 -2.94
C ALA A 170 -4.95 -2.98 -3.72
N VAL A 171 -6.13 -2.39 -3.50
CA VAL A 171 -6.57 -1.28 -4.32
C VAL A 171 -7.01 -0.10 -3.49
N ILE A 172 -6.62 1.10 -3.93
CA ILE A 172 -7.18 2.35 -3.40
C ILE A 172 -7.87 3.05 -4.58
N THR A 173 -9.14 3.40 -4.43
N THR A 173 -9.14 3.41 -4.42
CA THR A 173 -9.87 4.12 -5.48
CA THR A 173 -9.86 4.16 -5.45
C THR A 173 -10.49 5.37 -4.87
C THR A 173 -10.47 5.40 -4.86
N LYS A 174 -10.56 6.45 -5.66
CA LYS A 174 -11.21 7.70 -5.27
C LYS A 174 -12.29 7.97 -6.30
N MET A 175 -13.52 8.21 -5.82
CA MET A 175 -14.69 8.54 -6.64
CA MET A 175 -14.67 8.55 -6.65
C MET A 175 -15.32 9.72 -5.93
N GLY A 176 -14.85 10.93 -6.29
CA GLY A 176 -15.22 12.21 -5.66
C GLY A 176 -14.77 12.15 -4.21
N ASP A 177 -15.72 12.32 -3.26
CA ASP A 177 -15.43 12.24 -1.82
C ASP A 177 -15.32 10.82 -1.27
N GLN A 178 -15.64 9.79 -2.07
CA GLN A 178 -15.61 8.41 -1.59
C GLN A 178 -14.24 7.79 -1.78
N LEU A 179 -13.67 7.32 -0.70
CA LEU A 179 -12.37 6.67 -0.72
C LEU A 179 -12.62 5.19 -0.43
N THR A 180 -12.19 4.30 -1.35
CA THR A 180 -12.36 2.87 -1.16
C THR A 180 -11.01 2.18 -1.08
N PHE A 181 -10.94 1.22 -0.15
CA PHE A 181 -9.81 0.32 -0.03
C PHE A 181 -10.32 -1.07 -0.27
N ARG A 182 -9.62 -1.86 -1.11
CA ARG A 182 -10.01 -3.24 -1.34
C ARG A 182 -8.83 -4.16 -1.19
N LEU A 183 -9.13 -5.38 -0.79
CA LEU A 183 -8.17 -6.47 -0.82
C LEU A 183 -8.90 -7.60 -1.54
N ASP A 184 -8.77 -7.61 -2.87
CA ASP A 184 -9.48 -8.58 -3.69
C ASP A 184 -8.81 -9.94 -3.64
N ARG A 185 -9.60 -11.00 -3.37
CA ARG A 185 -9.10 -12.37 -3.37
C ARG A 185 -9.07 -12.86 -4.80
N ILE A 186 -7.94 -12.78 -5.47
CA ILE A 186 -7.77 -13.21 -6.86
C ILE A 186 -8.07 -14.73 -7.00
N ASP A 187 -7.58 -15.55 -6.06
CA ASP A 187 -7.72 -17.01 -6.12
C ASP A 187 -9.10 -17.54 -5.85
N LEU A 188 -9.88 -16.86 -4.98
CA LEU A 188 -11.15 -17.42 -4.54
C LEU A 188 -12.41 -16.56 -4.77
N GLY A 189 -12.23 -15.31 -5.19
CA GLY A 189 -13.34 -14.41 -5.47
C GLY A 189 -13.65 -13.48 -4.31
N ASP A 190 -14.30 -12.35 -4.61
CA ASP A 190 -14.70 -11.34 -3.61
C ASP A 190 -13.47 -10.83 -2.84
N GLY A 191 -13.60 -10.60 -1.55
CA GLY A 191 -12.52 -10.06 -0.73
C GLY A 191 -12.95 -8.91 0.15
N GLY A 192 -11.98 -8.15 0.65
CA GLY A 192 -12.20 -7.04 1.56
C GLY A 192 -12.56 -5.80 0.81
N ILE A 193 -13.52 -5.04 1.33
CA ILE A 193 -13.95 -3.77 0.71
C ILE A 193 -14.43 -2.82 1.77
N GLU A 194 -13.85 -1.63 1.81
CA GLU A 194 -14.27 -0.58 2.74
C GLU A 194 -14.32 0.72 2.00
N THR A 195 -15.47 1.39 2.01
CA THR A 195 -15.61 2.69 1.40
C THR A 195 -16.01 3.67 2.46
N ARG A 196 -15.44 4.89 2.45
CA ARG A 196 -15.89 5.94 3.35
C ARG A 196 -16.05 7.23 2.59
N THR A 197 -17.10 7.98 2.89
CA THR A 197 -17.26 9.29 2.28
C THR A 197 -16.50 10.20 3.19
N VAL A 198 -15.40 10.79 2.68
CA VAL A 198 -14.53 11.64 3.47
C VAL A 198 -14.79 13.10 3.10
N SER A 199 -15.25 13.90 4.08
CA SER A 199 -15.58 15.29 3.85
C SER A 199 -14.43 16.05 3.15
N GLY A 200 -14.75 16.68 2.02
CA GLY A 200 -13.82 17.51 1.25
C GLY A 200 -12.75 16.75 0.49
N PHE A 201 -12.78 15.42 0.53
CA PHE A 201 -11.74 14.65 -0.10
C PHE A 201 -11.64 14.89 -1.62
N SER A 202 -12.76 15.21 -2.25
CA SER A 202 -12.77 15.51 -3.69
C SER A 202 -11.92 16.75 -4.03
N SER A 203 -11.50 17.58 -3.04
CA SER A 203 -10.66 18.75 -3.28
C SER A 203 -9.19 18.51 -2.90
N VAL A 204 -8.87 17.33 -2.38
CA VAL A 204 -7.53 17.03 -1.89
C VAL A 204 -6.69 16.39 -2.99
N PRO A 205 -5.53 16.99 -3.33
CA PRO A 205 -4.72 16.43 -4.42
C PRO A 205 -3.78 15.33 -4.00
N ILE A 206 -3.23 14.66 -5.00
CA ILE A 206 -2.14 13.70 -4.82
C ILE A 206 -1.06 13.96 -5.86
N ASP A 207 0.19 13.61 -5.52
CA ASP A 207 1.32 13.80 -6.44
C ASP A 207 2.35 12.69 -6.35
N GLY A 208 2.09 11.63 -5.61
CA GLY A 208 3.10 10.60 -5.46
C GLY A 208 2.57 9.34 -4.84
N TRP A 209 3.38 8.28 -4.94
CA TRP A 209 3.05 7.01 -4.31
C TRP A 209 4.29 6.39 -3.71
N THR A 210 4.09 5.58 -2.67
CA THR A 210 5.14 4.79 -2.05
C THR A 210 4.60 3.42 -1.71
N ALA A 211 5.40 2.37 -1.97
CA ALA A 211 5.12 1.00 -1.53
C ALA A 211 6.26 0.62 -0.56
N TRP A 212 5.93 0.11 0.64
CA TRP A 212 6.94 -0.18 1.66
C TRP A 212 6.66 -1.56 2.23
N PHE A 213 7.74 -2.35 2.40
CA PHE A 213 7.61 -3.75 2.81
C PHE A 213 8.51 -4.10 4.00
N PRO A 214 8.18 -3.61 5.18
CA PRO A 214 9.04 -3.86 6.35
C PRO A 214 8.78 -5.13 7.14
N GLY A 215 9.83 -5.58 7.82
CA GLY A 215 9.77 -6.54 8.91
C GLY A 215 10.03 -5.80 10.21
N PHE A 216 9.87 -6.48 11.34
CA PHE A 216 10.11 -5.81 12.62
C PHE A 216 11.23 -6.51 13.37
N SER A 217 12.26 -5.74 13.77
CA SER A 217 13.35 -6.22 14.61
C SER A 217 13.97 -7.50 14.03
N ASP A 218 14.16 -8.55 14.87
CA ASP A 218 14.72 -9.85 14.48
C ASP A 218 13.66 -10.91 14.40
N GLN A 219 12.44 -10.51 14.17
N GLN A 219 12.39 -10.51 14.09
CA GLN A 219 11.38 -11.49 14.05
CA GLN A 219 11.33 -11.49 13.96
C GLN A 219 11.41 -12.04 12.65
C GLN A 219 11.36 -12.05 12.56
N ARG A 220 11.11 -13.34 12.50
N ARG A 220 11.11 -13.34 12.50
CA ARG A 220 11.07 -13.94 11.17
CA ARG A 220 11.10 -13.93 11.17
C ARG A 220 9.98 -13.30 10.35
C ARG A 220 9.98 -13.31 10.34
N GLY A 221 10.27 -13.11 9.07
CA GLY A 221 9.35 -12.44 8.18
C GLY A 221 8.29 -13.30 7.58
N TRP A 222 7.20 -12.68 7.19
CA TRP A 222 6.17 -13.36 6.44
C TRP A 222 6.60 -13.56 4.98
N SER A 223 5.79 -14.27 4.20
CA SER A 223 6.11 -14.47 2.78
C SER A 223 5.39 -13.42 1.99
N ILE A 224 6.14 -12.58 1.27
CA ILE A 224 5.53 -11.48 0.54
C ILE A 224 6.21 -11.25 -0.77
N ASN A 225 5.41 -11.08 -1.83
CA ASN A 225 5.97 -10.67 -3.10
C ASN A 225 4.99 -9.74 -3.81
N TRP A 226 5.50 -8.93 -4.74
CA TRP A 226 4.74 -7.85 -5.36
C TRP A 226 4.85 -8.06 -6.85
N GLN A 227 3.72 -8.36 -7.51
CA GLN A 227 3.74 -8.84 -8.89
C GLN A 227 3.37 -7.81 -9.94
N ASP A 228 2.75 -6.69 -9.55
CA ASP A 228 2.31 -5.70 -10.52
C ASP A 228 1.94 -4.45 -9.76
N SER A 229 2.13 -3.29 -10.40
CA SER A 229 1.73 -2.02 -9.80
C SER A 229 1.31 -1.06 -10.90
N TYR A 230 0.21 -0.31 -10.69
CA TYR A 230 -0.13 0.75 -11.62
C TYR A 230 -1.00 1.76 -10.94
N PHE A 231 -1.02 2.96 -11.51
CA PHE A 231 -1.91 4.02 -11.08
C PHE A 231 -2.54 4.58 -12.33
N GLU A 232 -3.86 4.76 -12.32
CA GLU A 232 -4.60 5.39 -13.39
C GLU A 232 -5.51 6.48 -12.90
N TRP A 233 -5.51 7.61 -13.62
CA TRP A 233 -6.55 8.59 -13.45
C TRP A 233 -7.77 8.02 -14.18
N ILE A 234 -8.96 8.13 -13.59
CA ILE A 234 -10.17 7.59 -14.22
C ILE A 234 -11.23 8.67 -14.37
N ASN A 235 -12.21 8.43 -15.27
CA ASN A 235 -13.29 9.39 -15.55
C ASN A 235 -12.67 10.75 -15.91
N VAL A 236 -11.66 10.74 -16.82
CA VAL A 236 -10.95 11.98 -17.18
C VAL A 236 -11.73 12.62 -18.32
N ASP A 237 -12.24 13.83 -18.13
CA ASP A 237 -12.94 14.54 -19.21
C ASP A 237 -12.04 14.86 -20.37
N TYR A 238 -12.57 14.77 -21.57
CA TYR A 238 -11.87 15.20 -22.78
C TYR A 238 -12.92 15.56 -23.83
N TRP A 239 -12.55 16.42 -24.76
CA TRP A 239 -13.47 16.78 -25.82
C TRP A 239 -12.75 16.58 -27.12
MG MG B . 2.31 -13.95 13.06
MG MG C . 4.61 -9.03 -13.00
#